data_8CVF
#
_entry.id   8CVF
#
_cell.length_a   44.783
_cell.length_b   79.901
_cell.length_c   55.675
_cell.angle_alpha   90.000
_cell.angle_beta   111.244
_cell.angle_gamma   90.000
#
_symmetry.space_group_name_H-M   'P 1 21 1'
#
loop_
_entity.id
_entity.type
_entity.pdbx_description
1 polymer 'Hyoscyamine 6-beta-hydroxylase'
2 non-polymer 1,2-ETHANEDIOL
3 non-polymer 'FORMIC ACID'
4 non-polymer '[(1S,5R)-8-methyl-8-azabicyclo[3.2.1]octan-3-yl] (2S)-3-hydroxy-2-phenylpropanoate'
5 non-polymer 'SUCCINIC ACID'
6 non-polymer 'VANADIUM ION'
7 non-polymer 'OXYGEN ATOM'
8 non-polymer 'STRONTIUM ION'
9 water water
#
_entity_poly.entity_id   1
_entity_poly.type   'polypeptide(L)'
_entity_poly.pdbx_seq_one_letter_code
;MATLVSNWSTNNVSESFVAPLEKRAENDVPLGNDVPIIDLQQDHLVVVQQITKACQDFGLFQVINHGLPEKLMAETMDVC
KEFFALPAEEKEKLQPKGEPAKFELPLEQKAKLYVEGEQLSDEAFLYWKDTLAHGCHPLDEELVNSWPEKPATYREVVAK
YSVEVRKLTMRILDYICEGLGLKLGYFDNELSQIQMMLTNYYPPCPDPSSTLGSGGHYDGNLITLLQQNLPGLQQLIEDA
KWIAVEPIPTAFVVNLGLTLKVITNEKFEGSIHRVVTNPTRDRVSIATFIGPDYSCTIEPAKELLSQDNPPLYKPYSYAE
FGEIYLSDKSDYDAGVKPYKINAGGKGPGDGPGGSGGPRGGENLYFQSGHHHHHHHHGGRGGAAA
;
_entity_poly.pdbx_strand_id   A
#
loop_
_chem_comp.id
_chem_comp.type
_chem_comp.name
_chem_comp.formula
EDO non-polymer 1,2-ETHANEDIOL 'C2 H6 O2'
FMT non-polymer 'FORMIC ACID' 'C H2 O2'
HYO non-polymer '[(1S,5R)-8-methyl-8-azabicyclo[3.2.1]octan-3-yl] (2S)-3-hydroxy-2-phenylpropanoate' 'C17 H23 N O3'
O non-polymer 'OXYGEN ATOM' O
SIN non-polymer 'SUCCINIC ACID' 'C4 H6 O4'
SR non-polymer 'STRONTIUM ION' 'Sr 2'
V non-polymer 'VANADIUM ION' 'V 3'
#
# COMPACT_ATOMS: atom_id res chain seq x y z
N VAL A 13 -8.43 -17.72 -19.49
CA VAL A 13 -9.27 -16.97 -18.50
C VAL A 13 -10.33 -16.14 -19.25
N SER A 14 -11.36 -15.70 -18.52
CA SER A 14 -12.39 -14.73 -18.99
C SER A 14 -11.70 -13.49 -19.56
N GLU A 15 -12.18 -12.99 -20.72
CA GLU A 15 -11.60 -11.84 -21.44
C GLU A 15 -11.55 -10.61 -20.51
N SER A 16 -12.45 -10.57 -19.52
CA SER A 16 -12.53 -9.52 -18.46
C SER A 16 -11.17 -9.31 -17.80
N PHE A 17 -10.36 -10.36 -17.67
CA PHE A 17 -9.10 -10.35 -16.88
C PHE A 17 -7.87 -10.25 -17.79
N VAL A 18 -8.03 -10.17 -19.11
CA VAL A 18 -6.86 -10.13 -20.03
C VAL A 18 -6.32 -8.69 -20.07
N ALA A 19 -5.07 -8.53 -19.63
CA ALA A 19 -4.34 -7.24 -19.61
C ALA A 19 -3.92 -6.89 -21.03
N PRO A 20 -3.82 -5.58 -21.36
CA PRO A 20 -3.24 -5.14 -22.62
C PRO A 20 -1.82 -5.73 -22.79
N LEU A 21 -1.46 -6.07 -24.01
CA LEU A 21 -0.18 -6.76 -24.34
C LEU A 21 0.97 -6.11 -23.57
N GLU A 22 1.08 -4.78 -23.60
CA GLU A 22 2.27 -4.05 -23.09
C GLU A 22 2.34 -4.14 -21.56
N LYS A 23 1.24 -4.48 -20.87
CA LYS A 23 1.19 -4.50 -19.39
C LYS A 23 1.41 -5.92 -18.86
N ARG A 24 1.40 -6.94 -19.73
CA ARG A 24 1.59 -8.34 -19.30
C ARG A 24 3.00 -8.52 -18.73
N ALA A 25 3.13 -9.30 -17.66
CA ALA A 25 4.41 -9.59 -17.00
C ALA A 25 5.16 -10.66 -17.80
N GLU A 26 6.47 -10.49 -17.97
CA GLU A 26 7.35 -11.56 -18.51
C GLU A 26 7.43 -12.68 -17.45
N ASN A 27 7.65 -13.91 -17.90
CA ASN A 27 7.50 -15.15 -17.08
C ASN A 27 8.65 -15.28 -16.07
N ASP A 28 9.82 -14.68 -16.37
CA ASP A 28 11.06 -14.83 -15.56
C ASP A 28 11.59 -13.46 -15.14
N VAL A 29 11.05 -12.92 -14.05
CA VAL A 29 11.49 -11.63 -13.45
C VAL A 29 12.53 -11.96 -12.38
N PRO A 30 13.72 -11.32 -12.42
CA PRO A 30 14.79 -11.65 -11.48
C PRO A 30 14.54 -11.11 -10.07
N LEU A 31 15.13 -11.77 -9.08
CA LEU A 31 15.10 -11.32 -7.67
C LEU A 31 15.78 -9.94 -7.59
N GLY A 32 15.17 -9.01 -6.86
CA GLY A 32 15.78 -7.72 -6.51
C GLY A 32 16.77 -7.89 -5.37
N ASN A 33 18.04 -8.13 -5.71
CA ASN A 33 19.15 -8.35 -4.75
C ASN A 33 19.48 -7.04 -4.01
N ASP A 34 19.12 -5.89 -4.59
CA ASP A 34 19.47 -4.53 -4.06
C ASP A 34 18.31 -3.94 -3.27
N VAL A 35 17.22 -4.67 -3.05
CA VAL A 35 16.11 -4.18 -2.17
C VAL A 35 16.68 -4.08 -0.76
N PRO A 36 16.72 -2.87 -0.14
CA PRO A 36 17.28 -2.74 1.21
C PRO A 36 16.43 -3.51 2.24
N ILE A 37 17.11 -4.27 3.10
CA ILE A 37 16.51 -4.96 4.28
C ILE A 37 17.09 -4.28 5.51
N ILE A 38 16.28 -3.50 6.23
CA ILE A 38 16.79 -2.58 7.28
C ILE A 38 16.43 -3.14 8.66
N ASP A 39 17.45 -3.42 9.45
CA ASP A 39 17.33 -3.92 10.84
C ASP A 39 17.08 -2.73 11.76
N LEU A 40 15.88 -2.61 12.32
CA LEU A 40 15.51 -1.42 13.14
C LEU A 40 16.12 -1.53 14.54
N GLN A 41 16.83 -2.62 14.86
CA GLN A 41 17.52 -2.77 16.17
C GLN A 41 19.01 -2.45 16.05
N GLN A 42 19.44 -1.87 14.93
CA GLN A 42 20.77 -1.23 14.83
C GLN A 42 20.76 0.05 15.68
N ASP A 43 21.91 0.71 15.81
CA ASP A 43 22.00 2.01 16.52
C ASP A 43 21.07 3.03 15.83
N HIS A 44 20.44 3.90 16.62
CA HIS A 44 19.44 4.89 16.15
C HIS A 44 19.93 5.58 14.87
N LEU A 45 21.09 6.21 14.90
CA LEU A 45 21.57 7.02 13.73
C LEU A 45 21.78 6.11 12.52
N VAL A 46 22.28 4.88 12.70
CA VAL A 46 22.45 3.91 11.59
C VAL A 46 21.07 3.67 10.95
N VAL A 47 20.04 3.47 11.78
CA VAL A 47 18.66 3.19 11.25
C VAL A 47 18.21 4.41 10.45
N VAL A 48 18.37 5.62 11.02
CA VAL A 48 17.96 6.88 10.33
C VAL A 48 18.66 6.93 8.96
N GLN A 49 19.97 6.70 8.94
CA GLN A 49 20.79 6.82 7.70
C GLN A 49 20.36 5.78 6.66
N GLN A 50 20.18 4.51 7.07
CA GLN A 50 19.82 3.42 6.13
C GLN A 50 18.41 3.66 5.57
N ILE A 51 17.45 4.05 6.41
CA ILE A 51 16.07 4.38 5.94
C ILE A 51 16.19 5.55 4.96
N THR A 52 16.93 6.60 5.31
CA THR A 52 17.05 7.81 4.46
C THR A 52 17.56 7.40 3.07
N LYS A 53 18.64 6.61 3.01
CA LYS A 53 19.25 6.17 1.72
C LYS A 53 18.24 5.37 0.91
N ALA A 54 17.51 4.45 1.54
CA ALA A 54 16.52 3.58 0.86
C ALA A 54 15.41 4.46 0.26
N CYS A 55 14.96 5.46 1.01
CA CYS A 55 13.87 6.40 0.60
C CYS A 55 14.33 7.24 -0.60
N GLN A 56 15.57 7.72 -0.58
CA GLN A 56 16.15 8.58 -1.64
C GLN A 56 16.36 7.77 -2.92
N ASP A 57 16.80 6.50 -2.80
CA ASP A 57 17.39 5.73 -3.92
C ASP A 57 16.39 4.72 -4.49
N PHE A 58 15.45 4.20 -3.70
CA PHE A 58 14.62 3.04 -4.10
C PHE A 58 13.12 3.31 -3.90
N GLY A 59 12.71 3.84 -2.74
CA GLY A 59 11.29 4.07 -2.40
C GLY A 59 10.57 2.81 -1.90
N LEU A 60 11.24 1.65 -1.96
CA LEU A 60 10.72 0.36 -1.44
C LEU A 60 11.86 -0.30 -0.66
N PHE A 61 11.60 -0.66 0.59
CA PHE A 61 12.59 -1.39 1.42
C PHE A 61 11.81 -2.30 2.36
N GLN A 62 12.50 -3.25 3.00
CA GLN A 62 11.88 -4.09 4.04
C GLN A 62 12.45 -3.69 5.39
N VAL A 63 11.66 -3.89 6.44
CA VAL A 63 12.14 -3.68 7.83
C VAL A 63 12.04 -5.00 8.58
N ILE A 64 13.08 -5.30 9.35
CA ILE A 64 13.15 -6.51 10.23
C ILE A 64 13.50 -6.06 11.65
N ASN A 65 13.25 -6.94 12.63
CA ASN A 65 13.43 -6.65 14.07
C ASN A 65 12.74 -5.31 14.37
N HIS A 66 11.51 -5.18 13.87
CA HIS A 66 10.75 -3.91 13.79
C HIS A 66 9.90 -3.70 15.05
N GLY A 67 9.90 -4.63 16.00
CA GLY A 67 9.23 -4.48 17.30
C GLY A 67 7.76 -4.88 17.28
N LEU A 68 7.20 -5.21 16.12
CA LEU A 68 5.80 -5.70 16.02
C LEU A 68 5.83 -7.20 16.25
N PRO A 69 5.01 -7.75 17.17
CA PRO A 69 5.14 -9.16 17.51
C PRO A 69 4.95 -10.11 16.31
N GLU A 70 5.91 -10.99 16.11
CA GLU A 70 5.87 -12.04 15.06
C GLU A 70 4.62 -12.89 15.24
N LYS A 71 4.27 -13.23 16.48
CA LYS A 71 3.07 -14.06 16.76
C LYS A 71 1.82 -13.34 16.21
N LEU A 72 1.72 -12.04 16.44
CA LEU A 72 0.56 -11.23 15.98
C LEU A 72 0.55 -11.20 14.44
N MET A 73 1.71 -11.06 13.80
CA MET A 73 1.77 -11.06 12.31
C MET A 73 1.19 -12.39 11.80
N ALA A 74 1.56 -13.51 12.43
CA ALA A 74 1.11 -14.86 12.03
C ALA A 74 -0.40 -15.00 12.27
N GLU A 75 -0.89 -14.53 13.42
CA GLU A 75 -2.33 -14.64 13.80
C GLU A 75 -3.18 -13.82 12.82
N THR A 76 -2.66 -12.67 12.39
CA THR A 76 -3.39 -11.76 11.46
C THR A 76 -3.43 -12.39 10.08
N MET A 77 -2.31 -12.91 9.58
CA MET A 77 -2.28 -13.63 8.28
C MET A 77 -3.26 -14.80 8.35
N ASP A 78 -3.30 -15.53 9.47
CA ASP A 78 -4.20 -16.70 9.66
C ASP A 78 -5.66 -16.26 9.53
N VAL A 79 -6.07 -15.17 10.18
CA VAL A 79 -7.50 -14.79 10.23
C VAL A 79 -7.88 -14.16 8.89
N CYS A 80 -6.95 -13.51 8.20
CA CYS A 80 -7.16 -12.99 6.84
C CYS A 80 -7.37 -14.17 5.87
N LYS A 81 -6.55 -15.22 5.96
CA LYS A 81 -6.72 -16.44 5.12
C LYS A 81 -8.07 -17.08 5.46
N GLU A 82 -8.42 -17.16 6.74
CA GLU A 82 -9.69 -17.74 7.21
C GLU A 82 -10.86 -16.96 6.61
N PHE A 83 -10.76 -15.62 6.58
CA PHE A 83 -11.81 -14.75 5.98
C PHE A 83 -12.06 -15.19 4.53
N PHE A 84 -10.99 -15.38 3.74
CA PHE A 84 -11.13 -15.64 2.28
C PHE A 84 -11.58 -17.09 2.05
N ALA A 85 -11.49 -17.95 3.08
CA ALA A 85 -12.01 -19.33 3.02
C ALA A 85 -13.51 -19.36 3.34
N LEU A 86 -14.11 -18.26 3.78
CA LEU A 86 -15.56 -18.22 4.12
C LEU A 86 -16.39 -18.53 2.88
N PRO A 87 -17.59 -19.13 3.04
CA PRO A 87 -18.43 -19.41 1.88
C PRO A 87 -19.06 -18.15 1.28
N ALA A 88 -19.53 -18.25 0.03
CA ALA A 88 -20.14 -17.15 -0.75
C ALA A 88 -21.23 -16.45 0.07
N GLU A 89 -22.08 -17.20 0.79
CA GLU A 89 -23.24 -16.57 1.48
C GLU A 89 -22.74 -15.57 2.52
N GLU A 90 -21.56 -15.80 3.12
CA GLU A 90 -21.02 -14.87 4.13
C GLU A 90 -20.34 -13.69 3.42
N LYS A 91 -19.65 -13.93 2.31
CA LYS A 91 -18.95 -12.84 1.57
C LYS A 91 -19.96 -11.88 0.96
N GLU A 92 -21.16 -12.35 0.59
CA GLU A 92 -22.21 -11.48 0.00
C GLU A 92 -22.56 -10.34 0.97
N LYS A 93 -22.40 -10.56 2.28
CA LYS A 93 -22.77 -9.55 3.30
C LYS A 93 -21.85 -8.32 3.16
N LEU A 94 -20.74 -8.43 2.43
CA LEU A 94 -19.79 -7.29 2.23
C LEU A 94 -19.82 -6.80 0.78
N GLN A 95 -20.80 -7.22 -0.01
CA GLN A 95 -20.97 -6.79 -1.42
C GLN A 95 -22.19 -5.88 -1.52
N PRO A 96 -22.03 -4.54 -1.51
CA PRO A 96 -23.17 -3.64 -1.54
C PRO A 96 -24.00 -3.86 -2.82
N LYS A 97 -25.32 -4.01 -2.66
CA LYS A 97 -26.28 -4.19 -3.77
C LYS A 97 -25.87 -5.40 -4.60
N GLY A 98 -25.25 -6.40 -3.97
CA GLY A 98 -25.00 -7.72 -4.59
C GLY A 98 -23.70 -7.81 -5.38
N GLU A 99 -22.87 -6.77 -5.43
CA GLU A 99 -21.57 -6.83 -6.15
C GLU A 99 -20.50 -6.14 -5.33
N PRO A 100 -19.20 -6.44 -5.57
CA PRO A 100 -18.12 -5.76 -4.88
C PRO A 100 -18.19 -4.26 -5.14
N ALA A 101 -17.70 -3.50 -4.16
CA ALA A 101 -17.54 -2.03 -4.21
C ALA A 101 -16.37 -1.68 -5.15
N LYS A 102 -16.33 -0.43 -5.57
CA LYS A 102 -15.26 0.11 -6.44
C LYS A 102 -14.37 1.04 -5.61
N PHE A 103 -13.08 1.08 -5.94
CA PHE A 103 -12.14 2.09 -5.40
C PHE A 103 -12.41 3.41 -6.12
N GLU A 104 -13.34 4.18 -5.56
CA GLU A 104 -13.76 5.52 -6.02
C GLU A 104 -14.18 6.30 -4.77
N LEU A 105 -14.12 7.64 -4.82
CA LEU A 105 -14.53 8.49 -3.68
C LEU A 105 -16.05 8.66 -3.73
N PRO A 106 -16.75 8.70 -2.58
CA PRO A 106 -16.12 8.57 -1.26
C PRO A 106 -15.70 7.12 -0.94
N LEU A 107 -14.49 6.94 -0.42
CA LEU A 107 -13.96 5.63 0.04
C LEU A 107 -14.32 5.47 1.51
N GLU A 108 -15.39 4.74 1.80
CA GLU A 108 -15.96 4.60 3.17
C GLU A 108 -15.05 3.69 3.99
N GLN A 109 -15.14 3.80 5.32
CA GLN A 109 -14.22 3.07 6.23
C GLN A 109 -14.88 1.76 6.69
N LYS A 110 -16.18 1.58 6.48
CA LYS A 110 -16.85 0.29 6.79
C LYS A 110 -16.23 -0.79 5.89
N ALA A 111 -16.21 -2.03 6.35
CA ALA A 111 -15.66 -3.18 5.59
C ALA A 111 -16.53 -3.44 4.35
N LYS A 112 -15.87 -3.58 3.20
CA LYS A 112 -16.49 -4.05 1.95
C LYS A 112 -15.50 -4.93 1.20
N LEU A 113 -16.01 -5.83 0.37
CA LEU A 113 -15.21 -6.48 -0.70
C LEU A 113 -15.22 -5.58 -1.92
N TYR A 114 -14.06 -5.44 -2.55
CA TYR A 114 -13.82 -4.53 -3.70
C TYR A 114 -13.34 -5.33 -4.91
N VAL A 115 -13.67 -4.83 -6.09
CA VAL A 115 -13.10 -5.25 -7.39
C VAL A 115 -12.21 -4.09 -7.85
N GLU A 116 -11.15 -4.37 -8.61
CA GLU A 116 -10.26 -3.30 -9.11
C GLU A 116 -9.77 -3.68 -10.51
N GLY A 117 -9.52 -2.67 -11.33
CA GLY A 117 -8.96 -2.83 -12.68
C GLY A 117 -8.64 -1.48 -13.28
N GLU A 118 -8.60 -1.40 -14.60
CA GLU A 118 -8.26 -0.18 -15.36
C GLU A 118 -9.35 0.06 -16.41
N GLU A 123 -9.36 -0.06 -23.51
CA GLU A 123 -8.72 -1.37 -23.18
C GLU A 123 -8.93 -1.68 -21.69
N ALA A 124 -10.19 -1.73 -21.25
CA ALA A 124 -10.61 -1.95 -19.84
C ALA A 124 -10.41 -3.42 -19.47
N PHE A 125 -9.88 -3.69 -18.27
CA PHE A 125 -9.75 -5.07 -17.74
C PHE A 125 -9.77 -5.05 -16.22
N LEU A 126 -9.93 -6.22 -15.63
CA LEU A 126 -10.00 -6.42 -14.15
C LEU A 126 -8.72 -7.08 -13.67
N TYR A 127 -8.28 -6.70 -12.47
CA TYR A 127 -7.16 -7.36 -11.76
C TYR A 127 -7.68 -8.68 -11.19
N TRP A 128 -6.83 -9.70 -11.24
CA TRP A 128 -7.11 -11.08 -10.75
C TRP A 128 -6.92 -11.09 -9.23
N LYS A 129 -7.91 -10.57 -8.51
CA LYS A 129 -7.76 -10.16 -7.10
C LYS A 129 -9.14 -9.99 -6.47
N ASP A 130 -9.33 -10.49 -5.25
CA ASP A 130 -10.43 -10.07 -4.35
C ASP A 130 -9.78 -9.24 -3.23
N THR A 131 -10.36 -8.10 -2.87
CA THR A 131 -9.80 -7.23 -1.81
C THR A 131 -10.87 -6.93 -0.76
N LEU A 132 -10.57 -7.24 0.50
CA LEU A 132 -11.33 -6.75 1.67
C LEU A 132 -10.66 -5.47 2.13
N ALA A 133 -11.40 -4.39 2.34
CA ALA A 133 -10.83 -3.12 2.83
C ALA A 133 -11.72 -2.52 3.90
N HIS A 134 -11.09 -1.88 4.88
CA HIS A 134 -11.80 -1.09 5.92
C HIS A 134 -10.82 -0.10 6.53
N GLY A 135 -11.37 0.94 7.15
CA GLY A 135 -10.59 1.89 7.96
C GLY A 135 -10.20 1.28 9.30
N CYS A 136 -9.16 1.84 9.92
CA CYS A 136 -8.60 1.33 11.20
C CYS A 136 -8.31 2.43 12.22
N HIS A 137 -8.51 3.71 11.90
CA HIS A 137 -8.04 4.84 12.76
C HIS A 137 -8.97 6.04 12.67
N PRO A 138 -9.44 6.60 13.81
CA PRO A 138 -9.23 6.01 15.13
C PRO A 138 -10.11 4.77 15.35
N LEU A 139 -9.67 3.84 16.21
CA LEU A 139 -10.47 2.65 16.60
C LEU A 139 -11.56 3.11 17.55
N ASP A 140 -12.81 2.83 17.23
CA ASP A 140 -13.96 2.98 18.17
C ASP A 140 -14.97 1.89 17.87
N GLU A 141 -15.97 1.73 18.75
CA GLU A 141 -17.01 0.69 18.64
C GLU A 141 -17.67 0.77 17.27
N GLU A 142 -17.98 1.98 16.78
CA GLU A 142 -18.73 2.19 15.52
C GLU A 142 -17.92 1.59 14.36
N LEU A 143 -16.63 1.91 14.29
CA LEU A 143 -15.77 1.42 13.18
C LEU A 143 -15.65 -0.11 13.27
N VAL A 144 -15.32 -0.64 14.45
CA VAL A 144 -15.03 -2.10 14.60
C VAL A 144 -16.34 -2.88 14.38
N ASN A 145 -17.49 -2.31 14.72
CA ASN A 145 -18.81 -2.96 14.47
C ASN A 145 -19.12 -3.01 12.97
N SER A 146 -18.40 -2.23 12.15
CA SER A 146 -18.57 -2.20 10.68
C SER A 146 -17.55 -3.13 10.01
N TRP A 147 -16.72 -3.83 10.79
CA TRP A 147 -15.75 -4.83 10.28
C TRP A 147 -16.45 -6.17 10.04
N PRO A 148 -15.77 -7.15 9.38
CA PRO A 148 -16.37 -8.47 9.17
C PRO A 148 -16.82 -9.11 10.50
N GLU A 149 -18.00 -9.74 10.46
CA GLU A 149 -18.54 -10.50 11.63
C GLU A 149 -17.82 -11.84 11.78
N LYS A 150 -17.38 -12.42 10.65
CA LYS A 150 -16.64 -13.71 10.62
C LYS A 150 -15.31 -13.49 9.91
N PRO A 151 -14.24 -14.24 10.26
CA PRO A 151 -14.25 -15.17 11.39
C PRO A 151 -14.42 -14.48 12.75
N ALA A 152 -14.80 -15.24 13.78
CA ALA A 152 -15.17 -14.70 15.12
C ALA A 152 -14.03 -13.84 15.68
N THR A 153 -12.77 -14.20 15.44
CA THR A 153 -11.58 -13.53 16.04
C THR A 153 -11.06 -12.40 15.15
N TYR A 154 -11.64 -12.16 13.97
CA TYR A 154 -11.13 -11.13 13.03
C TYR A 154 -10.99 -9.79 13.77
N ARG A 155 -12.05 -9.32 14.42
CA ARG A 155 -12.09 -7.96 15.02
C ARG A 155 -11.03 -7.84 16.12
N GLU A 156 -10.94 -8.82 17.01
CA GLU A 156 -9.98 -8.77 18.15
C GLU A 156 -8.55 -8.73 17.59
N VAL A 157 -8.23 -9.62 16.66
CA VAL A 157 -6.84 -9.75 16.13
C VAL A 157 -6.49 -8.50 15.32
N VAL A 158 -7.36 -8.10 14.42
CA VAL A 158 -7.03 -7.00 13.46
C VAL A 158 -7.01 -5.66 14.21
N ALA A 159 -7.78 -5.49 15.28
CA ALA A 159 -7.71 -4.28 16.12
C ALA A 159 -6.29 -4.16 16.68
N LYS A 160 -5.77 -5.25 17.26
CA LYS A 160 -4.40 -5.28 17.86
C LYS A 160 -3.36 -5.03 16.75
N TYR A 161 -3.50 -5.72 15.63
CA TYR A 161 -2.57 -5.59 14.47
C TYR A 161 -2.55 -4.14 13.99
N SER A 162 -3.73 -3.53 13.83
CA SER A 162 -3.84 -2.17 13.25
C SER A 162 -3.14 -1.16 14.17
N VAL A 163 -3.27 -1.33 15.49
CA VAL A 163 -2.61 -0.43 16.48
C VAL A 163 -1.09 -0.61 16.36
N GLU A 164 -0.62 -1.86 16.28
CA GLU A 164 0.84 -2.15 16.22
C GLU A 164 1.40 -1.66 14.88
N VAL A 165 0.70 -1.88 13.77
CA VAL A 165 1.21 -1.45 12.43
C VAL A 165 1.28 0.08 12.43
N ARG A 166 0.29 0.75 13.02
CA ARG A 166 0.32 2.24 13.08
C ARG A 166 1.54 2.66 13.90
N LYS A 167 1.80 2.02 15.05
CA LYS A 167 2.93 2.41 15.92
C LYS A 167 4.23 2.27 15.12
N LEU A 168 4.37 1.19 14.36
CA LEU A 168 5.62 0.94 13.59
C LEU A 168 5.70 1.98 12.46
N THR A 169 4.58 2.28 11.80
CA THR A 169 4.56 3.27 10.70
C THR A 169 5.01 4.63 11.25
N MET A 170 4.52 5.04 12.42
CA MET A 170 4.88 6.37 12.98
C MET A 170 6.36 6.37 13.37
N ARG A 171 6.93 5.25 13.86
CA ARG A 171 8.40 5.14 14.11
C ARG A 171 9.15 5.43 12.81
N ILE A 172 8.73 4.80 11.71
CA ILE A 172 9.42 4.93 10.39
C ILE A 172 9.27 6.38 9.91
N LEU A 173 8.09 6.98 10.08
CA LEU A 173 7.89 8.39 9.64
C LEU A 173 8.80 9.32 10.46
N ASP A 174 9.07 9.02 11.73
CA ASP A 174 9.96 9.90 12.55
C ASP A 174 11.43 9.65 12.17
N TYR A 175 11.82 8.44 11.80
CA TYR A 175 13.17 8.19 11.22
C TYR A 175 13.31 9.06 9.96
N ILE A 176 12.25 9.09 9.15
CA ILE A 176 12.20 9.87 7.88
C ILE A 176 12.32 11.35 8.22
N CYS A 177 11.65 11.82 9.27
CA CYS A 177 11.71 13.26 9.69
C CYS A 177 13.17 13.62 9.97
N GLU A 178 13.86 12.82 10.77
CA GLU A 178 15.26 13.10 11.17
C GLU A 178 16.16 13.09 9.92
N GLY A 179 15.94 12.16 8.98
CA GLY A 179 16.70 12.10 7.72
C GLY A 179 16.49 13.33 6.83
N LEU A 180 15.29 13.90 6.83
CA LEU A 180 14.91 15.06 5.98
C LEU A 180 15.30 16.38 6.65
N GLY A 181 15.44 16.38 7.99
CA GLY A 181 15.59 17.60 8.81
C GLY A 181 14.25 18.25 9.11
N LEU A 182 13.16 17.48 9.16
CA LEU A 182 11.82 17.96 9.61
C LEU A 182 11.71 17.68 11.11
N LYS A 183 10.95 18.50 11.84
CA LYS A 183 10.64 18.28 13.27
C LYS A 183 10.04 16.87 13.42
N LEU A 184 10.45 16.13 14.46
CA LEU A 184 9.76 14.88 14.85
C LEU A 184 8.26 15.16 14.95
N GLY A 185 7.43 14.23 14.48
CA GLY A 185 5.96 14.31 14.53
C GLY A 185 5.37 15.09 13.37
N TYR A 186 6.19 15.47 12.38
CA TYR A 186 5.75 16.24 11.19
C TYR A 186 4.51 15.61 10.56
N PHE A 187 4.45 14.28 10.54
CA PHE A 187 3.37 13.51 9.86
C PHE A 187 2.33 12.99 10.87
N ASP A 188 2.46 13.32 12.15
CA ASP A 188 1.60 12.81 13.26
C ASP A 188 0.40 13.77 13.43
N ASN A 189 -0.44 13.84 12.40
CA ASN A 189 -1.50 14.86 12.26
C ASN A 189 -2.41 14.46 11.09
N GLU A 190 -3.03 15.44 10.41
CA GLU A 190 -3.97 15.21 9.29
C GLU A 190 -3.31 14.36 8.21
N LEU A 191 -1.97 14.43 8.05
CA LEU A 191 -1.23 13.72 6.97
C LEU A 191 -1.25 12.20 7.17
N SER A 192 -1.61 11.70 8.35
CA SER A 192 -1.61 10.24 8.65
C SER A 192 -2.97 9.81 9.22
N GLN A 193 -4.02 10.60 9.07
CA GLN A 193 -5.26 10.33 9.84
C GLN A 193 -6.07 9.19 9.22
N ILE A 194 -5.90 8.86 7.94
CA ILE A 194 -6.61 7.70 7.32
C ILE A 194 -5.69 6.49 7.35
N GLN A 195 -6.20 5.38 7.88
CA GLN A 195 -5.47 4.09 7.91
C GLN A 195 -6.38 3.03 7.30
N MET A 196 -6.20 2.72 6.02
CA MET A 196 -6.99 1.68 5.32
C MET A 196 -6.19 0.38 5.39
N MET A 197 -6.82 -0.69 5.85
CA MET A 197 -6.21 -2.04 5.74
C MET A 197 -6.90 -2.79 4.59
N LEU A 198 -6.09 -3.22 3.62
CA LEU A 198 -6.54 -4.05 2.49
C LEU A 198 -5.96 -5.45 2.70
N THR A 199 -6.81 -6.47 2.72
CA THR A 199 -6.38 -7.87 2.62
C THR A 199 -6.68 -8.33 1.20
N ASN A 200 -5.66 -8.80 0.49
CA ASN A 200 -5.76 -9.16 -0.94
C ASN A 200 -5.67 -10.67 -1.06
N TYR A 201 -6.60 -11.26 -1.81
CA TYR A 201 -6.64 -12.70 -2.15
C TYR A 201 -6.46 -12.84 -3.65
N TYR A 202 -5.41 -13.57 -4.04
CA TYR A 202 -5.08 -13.91 -5.44
C TYR A 202 -5.27 -15.41 -5.59
N PRO A 203 -6.42 -15.89 -6.12
CA PRO A 203 -6.59 -17.32 -6.33
C PRO A 203 -5.72 -17.77 -7.50
N PRO A 204 -5.47 -19.09 -7.63
CA PRO A 204 -4.68 -19.59 -8.76
C PRO A 204 -5.31 -19.12 -10.08
N CYS A 205 -4.46 -18.78 -11.04
CA CYS A 205 -4.86 -18.24 -12.35
C CYS A 205 -4.43 -19.19 -13.46
N PRO A 206 -5.37 -19.73 -14.27
CA PRO A 206 -5.04 -20.62 -15.37
C PRO A 206 -4.12 -20.04 -16.46
N ASP A 207 -4.04 -18.71 -16.58
CA ASP A 207 -3.13 -18.06 -17.58
C ASP A 207 -2.45 -16.84 -16.97
N PRO A 208 -1.37 -17.04 -16.19
CA PRO A 208 -0.58 -15.94 -15.65
C PRO A 208 0.06 -15.02 -16.71
N SER A 209 0.28 -15.52 -17.93
CA SER A 209 0.94 -14.75 -19.01
C SER A 209 0.04 -13.59 -19.47
N SER A 210 -1.28 -13.67 -19.23
CA SER A 210 -2.28 -12.68 -19.76
C SER A 210 -2.83 -11.78 -18.67
N THR A 211 -2.59 -12.08 -17.38
CA THR A 211 -3.34 -11.43 -16.26
C THR A 211 -2.37 -10.68 -15.34
N LEU A 212 -2.93 -9.83 -14.48
CA LEU A 212 -2.18 -9.15 -13.39
C LEU A 212 -3.00 -9.28 -12.10
N GLY A 213 -2.34 -9.65 -11.01
CA GLY A 213 -2.94 -9.58 -9.66
C GLY A 213 -3.22 -8.14 -9.30
N SER A 214 -2.28 -7.26 -9.61
CA SER A 214 -2.40 -5.80 -9.38
C SER A 214 -1.56 -5.10 -10.44
N GLY A 215 -2.16 -4.19 -11.20
CA GLY A 215 -1.44 -3.39 -12.22
C GLY A 215 -0.34 -2.56 -11.58
N GLY A 216 0.67 -2.19 -12.36
CA GLY A 216 1.75 -1.28 -11.94
C GLY A 216 1.17 0.02 -11.39
N HIS A 217 1.62 0.46 -10.22
CA HIS A 217 1.11 1.68 -9.57
C HIS A 217 2.11 2.20 -8.53
N TYR A 218 2.05 3.50 -8.27
CA TYR A 218 2.39 4.06 -6.95
C TYR A 218 1.18 3.87 -6.04
N ASP A 219 1.41 3.65 -4.74
CA ASP A 219 0.38 3.91 -3.72
C ASP A 219 0.16 5.42 -3.65
N GLY A 220 -1.09 5.89 -3.66
CA GLY A 220 -1.40 7.33 -3.75
C GLY A 220 -1.18 8.04 -2.41
N ASN A 221 -1.20 7.28 -1.32
CA ASN A 221 -1.17 7.79 0.07
C ASN A 221 0.26 8.17 0.49
N LEU A 222 0.51 8.26 1.80
CA LEU A 222 1.81 8.72 2.33
C LEU A 222 2.77 7.54 2.36
N ILE A 223 2.40 6.47 3.05
CA ILE A 223 3.29 5.30 3.28
C ILE A 223 2.42 4.07 3.49
N THR A 224 2.88 2.92 3.02
CA THR A 224 2.14 1.66 3.12
C THR A 224 3.08 0.60 3.69
N LEU A 225 2.60 -0.19 4.65
CA LEU A 225 3.35 -1.36 5.16
C LEU A 225 2.63 -2.61 4.69
N LEU A 226 3.36 -3.50 4.00
CA LEU A 226 2.80 -4.68 3.31
C LEU A 226 3.40 -5.93 3.96
N GLN A 227 2.54 -6.88 4.31
CA GLN A 227 2.95 -8.19 4.88
C GLN A 227 2.63 -9.28 3.86
N GLN A 228 3.64 -10.10 3.53
CA GLN A 228 3.49 -11.19 2.53
C GLN A 228 4.29 -12.41 2.99
N ASN A 229 3.85 -13.59 2.58
CA ASN A 229 4.50 -14.90 2.87
C ASN A 229 5.01 -15.55 1.58
N LEU A 230 4.49 -15.14 0.42
CA LEU A 230 4.70 -15.87 -0.85
C LEU A 230 5.06 -14.86 -1.94
N PRO A 231 5.78 -15.31 -2.99
CA PRO A 231 6.15 -14.43 -4.09
C PRO A 231 4.97 -13.91 -4.91
N GLY A 232 5.21 -12.80 -5.62
CA GLY A 232 4.24 -12.19 -6.53
C GLY A 232 4.40 -10.69 -6.62
N LEU A 233 4.99 -10.06 -5.60
CA LEU A 233 5.21 -8.59 -5.60
C LEU A 233 6.45 -8.29 -6.44
N GLN A 234 6.31 -7.32 -7.35
CA GLN A 234 7.41 -6.86 -8.24
C GLN A 234 7.49 -5.34 -8.21
N GLN A 235 8.70 -4.81 -8.35
CA GLN A 235 8.97 -3.36 -8.34
C GLN A 235 9.56 -2.94 -9.67
N LEU A 236 9.19 -1.76 -10.16
CA LEU A 236 9.78 -1.17 -11.37
C LEU A 236 10.98 -0.31 -10.96
N ILE A 237 12.18 -0.65 -11.45
CA ILE A 237 13.46 0.06 -11.14
C ILE A 237 13.82 0.98 -12.31
N ALA A 240 12.17 1.15 -16.05
CA ALA A 240 12.76 0.29 -17.10
C ALA A 240 12.53 -1.19 -16.78
N LYS A 241 13.14 -1.69 -15.71
CA LYS A 241 13.25 -3.15 -15.40
C LYS A 241 12.35 -3.49 -14.21
N TRP A 242 11.64 -4.62 -14.28
CA TRP A 242 10.90 -5.19 -13.14
C TRP A 242 11.80 -6.15 -12.37
N ILE A 243 11.74 -6.10 -11.05
CA ILE A 243 12.41 -7.07 -10.14
C ILE A 243 11.38 -7.66 -9.18
N ALA A 244 11.68 -8.85 -8.65
CA ALA A 244 10.84 -9.57 -7.68
C ALA A 244 11.29 -9.18 -6.27
N VAL A 245 10.34 -8.84 -5.41
CA VAL A 245 10.60 -8.48 -3.99
C VAL A 245 10.48 -9.76 -3.16
N GLU A 246 11.60 -10.28 -2.65
CA GLU A 246 11.71 -11.51 -1.83
C GLU A 246 10.69 -11.44 -0.70
N PRO A 247 9.78 -12.44 -0.55
CA PRO A 247 8.92 -12.51 0.62
C PRO A 247 9.72 -12.93 1.87
N ILE A 248 9.65 -12.09 2.90
CA ILE A 248 10.17 -12.37 4.27
C ILE A 248 8.95 -12.34 5.19
N PRO A 249 8.41 -13.51 5.60
CA PRO A 249 7.15 -13.54 6.33
C PRO A 249 7.12 -12.68 7.60
N THR A 250 8.25 -12.46 8.25
CA THR A 250 8.34 -11.70 9.53
C THR A 250 8.75 -10.25 9.29
N ALA A 251 8.93 -9.82 8.04
CA ALA A 251 9.27 -8.43 7.69
C ALA A 251 8.01 -7.66 7.25
N PHE A 252 8.09 -6.34 7.23
CA PHE A 252 7.16 -5.49 6.45
C PHE A 252 7.91 -4.91 5.26
N VAL A 253 7.26 -4.97 4.11
CA VAL A 253 7.65 -4.16 2.92
C VAL A 253 7.11 -2.75 3.13
N VAL A 254 7.97 -1.75 3.01
CA VAL A 254 7.55 -0.33 3.12
C VAL A 254 7.53 0.25 1.71
N ASN A 255 6.36 0.69 1.25
CA ASN A 255 6.17 1.38 -0.05
C ASN A 255 5.96 2.86 0.24
N LEU A 256 6.85 3.75 -0.20
CA LEU A 256 6.61 5.21 -0.09
C LEU A 256 5.58 5.61 -1.14
N GLY A 257 4.60 6.42 -0.75
CA GLY A 257 3.48 6.81 -1.64
C GLY A 257 3.77 8.08 -2.41
N LEU A 258 2.94 8.36 -3.41
CA LEU A 258 3.01 9.61 -4.22
C LEU A 258 2.92 10.82 -3.29
N THR A 259 2.12 10.74 -2.22
CA THR A 259 1.94 11.91 -1.31
C THR A 259 3.29 12.25 -0.69
N LEU A 260 4.08 11.24 -0.28
CA LEU A 260 5.39 11.51 0.36
C LEU A 260 6.38 12.01 -0.71
N LYS A 261 6.28 11.49 -1.93
CA LYS A 261 7.14 11.98 -3.04
C LYS A 261 6.91 13.48 -3.21
N VAL A 262 5.66 13.94 -3.18
CA VAL A 262 5.33 15.39 -3.33
C VAL A 262 5.83 16.15 -2.11
N ILE A 263 5.52 15.71 -0.89
CA ILE A 263 5.86 16.47 0.35
C ILE A 263 7.39 16.60 0.45
N THR A 264 8.15 15.62 -0.02
CA THR A 264 9.64 15.69 0.02
C THR A 264 10.20 16.43 -1.20
N ASN A 265 9.34 16.93 -2.09
CA ASN A 265 9.76 17.63 -3.33
C ASN A 265 10.65 16.69 -4.17
N GLU A 266 10.33 15.41 -4.19
CA GLU A 266 11.01 14.34 -4.97
C GLU A 266 12.42 14.06 -4.43
N LYS A 267 12.76 14.50 -3.22
CA LYS A 267 14.01 14.03 -2.56
C LYS A 267 13.89 12.53 -2.33
N PHE A 268 12.68 12.03 -2.07
CA PHE A 268 12.40 10.57 -1.97
C PHE A 268 11.74 10.08 -3.25
N GLU A 269 12.01 8.81 -3.59
CA GLU A 269 11.30 8.05 -4.64
C GLU A 269 9.99 7.51 -4.06
N GLY A 270 8.94 7.50 -4.86
CA GLY A 270 7.77 6.64 -4.64
C GLY A 270 8.05 5.25 -5.18
N SER A 271 7.44 4.23 -4.57
CA SER A 271 7.53 2.83 -5.03
C SER A 271 6.51 2.56 -6.15
N ILE A 272 6.99 2.21 -7.34
CA ILE A 272 6.11 1.67 -8.42
C ILE A 272 6.20 0.16 -8.36
N HIS A 273 5.08 -0.52 -8.16
CA HIS A 273 5.06 -1.98 -7.94
C HIS A 273 3.79 -2.60 -8.54
N ARG A 274 3.83 -3.90 -8.72
CA ARG A 274 2.71 -4.69 -9.28
C ARG A 274 2.71 -6.06 -8.62
N VAL A 275 1.65 -6.81 -8.84
CA VAL A 275 1.51 -8.19 -8.33
C VAL A 275 1.16 -9.10 -9.50
N VAL A 276 1.92 -10.17 -9.67
CA VAL A 276 1.64 -11.19 -10.72
C VAL A 276 0.87 -12.35 -10.11
N THR A 277 0.19 -13.11 -10.97
CA THR A 277 -0.64 -14.27 -10.58
C THR A 277 0.24 -15.53 -10.59
N ASN A 278 -0.31 -16.61 -10.05
CA ASN A 278 0.38 -17.92 -9.91
C ASN A 278 -0.56 -18.99 -10.41
N PRO A 279 -0.10 -19.95 -11.26
CA PRO A 279 -1.03 -20.93 -11.83
C PRO A 279 -1.45 -22.03 -10.86
N THR A 280 -0.77 -22.22 -9.74
CA THR A 280 -0.90 -23.45 -8.91
C THR A 280 -1.32 -23.16 -7.47
N ARG A 281 -1.01 -22.00 -6.89
CA ARG A 281 -1.32 -21.75 -5.45
C ARG A 281 -1.96 -20.38 -5.26
N ASP A 282 -2.70 -20.22 -4.17
CA ASP A 282 -3.28 -18.91 -3.82
C ASP A 282 -2.24 -18.13 -3.03
N ARG A 283 -2.52 -16.85 -2.82
CA ARG A 283 -1.65 -15.92 -2.08
C ARG A 283 -2.55 -14.92 -1.36
N VAL A 284 -2.24 -14.65 -0.10
CA VAL A 284 -2.91 -13.57 0.68
C VAL A 284 -1.84 -12.58 1.11
N SER A 285 -2.12 -11.30 0.91
CA SER A 285 -1.26 -10.20 1.42
C SER A 285 -2.10 -9.26 2.26
N ILE A 286 -1.44 -8.54 3.15
CA ILE A 286 -2.07 -7.53 4.02
C ILE A 286 -1.31 -6.23 3.83
N ALA A 287 -1.99 -5.16 3.43
CA ALA A 287 -1.35 -3.85 3.24
C ALA A 287 -2.09 -2.80 4.07
N THR A 288 -1.33 -2.04 4.87
CA THR A 288 -1.86 -0.91 5.68
C THR A 288 -1.43 0.39 5.04
N PHE A 289 -2.40 1.17 4.58
CA PHE A 289 -2.22 2.43 3.82
C PHE A 289 -2.45 3.59 4.77
N ILE A 290 -1.39 4.29 5.14
CA ILE A 290 -1.53 5.48 6.03
C ILE A 290 -1.35 6.72 5.17
N GLY A 291 -2.16 7.73 5.42
CA GLY A 291 -2.14 8.94 4.60
C GLY A 291 -3.15 9.98 5.05
N PRO A 292 -3.22 11.06 4.29
CA PRO A 292 -4.06 12.20 4.64
C PRO A 292 -5.55 11.88 4.58
N ASP A 293 -6.32 12.66 5.34
CA ASP A 293 -7.78 12.82 5.14
C ASP A 293 -8.03 13.48 3.79
N TYR A 294 -9.20 13.23 3.19
CA TYR A 294 -9.58 13.74 1.86
C TYR A 294 -9.69 15.28 1.91
N SER A 295 -9.79 15.86 3.10
CA SER A 295 -9.91 17.33 3.31
C SER A 295 -8.54 18.02 3.24
N CYS A 296 -7.45 17.25 3.20
CA CYS A 296 -6.07 17.79 3.32
C CYS A 296 -5.64 18.52 2.04
N THR A 297 -4.81 19.54 2.22
CA THR A 297 -4.06 20.21 1.14
C THR A 297 -2.65 19.63 1.14
N ILE A 298 -2.21 19.11 0.01
CA ILE A 298 -0.86 18.48 -0.14
C ILE A 298 0.05 19.48 -0.86
N GLU A 299 1.26 19.67 -0.35
CA GLU A 299 2.29 20.50 -1.03
C GLU A 299 3.66 20.11 -0.53
N PRO A 300 4.73 20.42 -1.30
CA PRO A 300 6.09 20.26 -0.82
C PRO A 300 6.28 20.97 0.53
N ALA A 301 6.92 20.30 1.50
CA ALA A 301 7.20 20.84 2.85
C ALA A 301 7.97 22.16 2.69
N LYS A 302 7.39 23.26 3.16
CA LYS A 302 7.99 24.62 2.99
C LYS A 302 9.36 24.66 3.69
N GLU A 303 9.54 23.91 4.78
CA GLU A 303 10.77 23.90 5.61
C GLU A 303 11.97 23.49 4.75
N LEU A 304 11.74 22.74 3.67
CA LEU A 304 12.81 22.12 2.83
C LEU A 304 13.07 22.93 1.55
N LEU A 305 12.16 23.84 1.18
CA LEU A 305 12.24 24.57 -0.11
C LEU A 305 13.26 25.70 -0.01
N SER A 306 13.84 26.07 -1.15
CA SER A 306 14.76 27.23 -1.29
C SER A 306 14.95 27.55 -2.77
N GLN A 307 15.75 28.56 -3.11
CA GLN A 307 16.04 28.90 -4.51
C GLN A 307 16.79 27.73 -5.17
N ASP A 308 17.56 26.96 -4.40
CA ASP A 308 18.30 25.77 -4.89
C ASP A 308 17.34 24.57 -5.00
N ASN A 309 16.26 24.56 -4.21
CA ASN A 309 15.26 23.45 -4.14
C ASN A 309 13.87 24.06 -4.32
N PRO A 310 13.52 24.57 -5.52
CA PRO A 310 12.20 25.18 -5.74
C PRO A 310 11.12 24.10 -5.76
N PRO A 311 9.87 24.44 -5.35
CA PRO A 311 8.79 23.47 -5.31
C PRO A 311 8.51 22.92 -6.72
N LEU A 312 8.31 21.60 -6.82
CA LEU A 312 8.04 20.91 -8.10
C LEU A 312 6.55 20.63 -8.25
N TYR A 313 5.75 20.95 -7.22
CA TYR A 313 4.28 20.80 -7.22
C TYR A 313 3.65 22.03 -6.56
N LYS A 314 2.54 22.50 -7.13
CA LYS A 314 1.64 23.50 -6.49
C LYS A 314 0.78 22.78 -5.46
N PRO A 315 0.28 23.48 -4.42
CA PRO A 315 -0.63 22.87 -3.46
C PRO A 315 -1.89 22.34 -4.15
N TYR A 316 -2.40 21.20 -3.70
CA TYR A 316 -3.62 20.58 -4.27
C TYR A 316 -4.44 19.88 -3.19
N SER A 317 -5.73 19.74 -3.48
CA SER A 317 -6.74 18.99 -2.69
C SER A 317 -6.45 17.49 -2.81
N TYR A 318 -6.32 16.81 -1.68
CA TYR A 318 -6.12 15.33 -1.67
C TYR A 318 -7.34 14.66 -2.30
N ALA A 319 -8.55 15.19 -2.08
CA ALA A 319 -9.80 14.66 -2.67
C ALA A 319 -9.74 14.75 -4.20
N GLU A 320 -9.27 15.89 -4.72
CA GLU A 320 -9.20 16.14 -6.18
C GLU A 320 -8.18 15.17 -6.79
N PHE A 321 -6.99 15.11 -6.17
CA PHE A 321 -5.93 14.13 -6.51
C PHE A 321 -6.53 12.72 -6.51
N GLY A 322 -7.24 12.35 -5.45
CA GLY A 322 -7.77 10.98 -5.25
C GLY A 322 -8.66 10.56 -6.40
N GLU A 323 -9.52 11.45 -6.87
CA GLU A 323 -10.49 11.17 -7.96
C GLU A 323 -9.69 10.80 -9.21
N ILE A 324 -8.65 11.57 -9.54
CA ILE A 324 -7.80 11.33 -10.74
C ILE A 324 -7.02 10.03 -10.52
N TYR A 325 -6.37 9.92 -9.37
CA TYR A 325 -5.50 8.77 -9.02
C TYR A 325 -6.26 7.45 -9.20
N LEU A 326 -7.52 7.41 -8.76
CA LEU A 326 -8.34 6.17 -8.75
C LEU A 326 -8.91 5.89 -10.16
N SER A 327 -8.97 6.87 -11.05
CA SER A 327 -9.65 6.70 -12.37
C SER A 327 -8.64 6.64 -13.52
N ASP A 328 -7.62 7.50 -13.53
CA ASP A 328 -6.71 7.71 -14.68
C ASP A 328 -5.42 6.93 -14.48
N LYS A 329 -5.21 5.86 -15.27
CA LYS A 329 -4.00 5.01 -15.19
C LYS A 329 -3.21 5.12 -16.50
N SER A 330 -3.33 6.27 -17.19
CA SER A 330 -2.58 6.57 -18.44
C SER A 330 -1.08 6.64 -18.12
N ASP A 331 -0.72 7.11 -16.93
CA ASP A 331 0.68 7.12 -16.42
C ASP A 331 0.65 6.89 -14.91
N TYR A 332 1.74 6.36 -14.36
CA TYR A 332 1.85 6.02 -12.92
C TYR A 332 1.52 7.27 -12.08
N ASP A 333 1.96 8.45 -12.52
CA ASP A 333 1.77 9.69 -11.71
C ASP A 333 0.72 10.61 -12.35
N ALA A 334 -0.23 10.07 -13.12
CA ALA A 334 -1.37 10.82 -13.69
C ALA A 334 -2.04 11.67 -12.61
N GLY A 335 -2.11 11.16 -11.37
CA GLY A 335 -2.76 11.84 -10.23
C GLY A 335 -2.13 13.18 -9.91
N VAL A 336 -0.81 13.33 -10.08
CA VAL A 336 -0.08 14.57 -9.66
C VAL A 336 0.35 15.39 -10.89
N LYS A 337 0.18 14.87 -12.11
CA LYS A 337 0.62 15.59 -13.34
C LYS A 337 0.00 16.99 -13.40
N PRO A 338 -1.31 17.18 -13.09
CA PRO A 338 -1.92 18.51 -13.15
C PRO A 338 -1.29 19.56 -12.23
N TYR A 339 -0.54 19.15 -11.20
CA TYR A 339 -0.04 20.06 -10.12
C TYR A 339 1.47 20.27 -10.27
N LYS A 340 2.10 19.70 -11.29
CA LYS A 340 3.55 19.85 -11.54
C LYS A 340 3.86 21.28 -11.97
N ILE A 341 4.91 21.86 -11.39
CA ILE A 341 5.41 23.23 -11.73
C ILE A 341 6.94 23.19 -11.79
N ASN A 342 7.56 24.24 -12.34
CA ASN A 342 9.03 24.42 -12.42
C ASN A 342 9.63 23.24 -13.20
C1 EDO B . -18.80 -11.08 6.86
O1 EDO B . -18.64 -11.92 8.00
C2 EDO B . -19.86 -10.07 7.03
O2 EDO B . -19.58 -9.14 8.06
C FMT C . -0.10 -20.23 10.13
O1 FMT C . -0.69 -20.62 11.11
O2 FMT C . 0.94 -19.45 10.14
C10 HYO D . -6.65 0.54 -3.96
C13 HYO D . -6.57 3.11 -2.15
C15 HYO D . -5.92 5.37 -1.67
C17 HYO D . -7.13 5.92 -2.10
C20 HYO D . -4.85 7.49 -2.15
C21 HYO D . -6.06 8.03 -2.56
C05 HYO D . -4.31 1.16 -5.48
C06 HYO D . -5.37 -0.28 -4.08
C07 HYO D . -3.56 1.27 -4.16
C08 HYO D . -4.25 0.27 -3.24
C09 HYO D . -5.48 2.14 -5.55
C11 HYO D . -6.44 2.01 -4.36
C12 HYO D . -3.91 -1.22 -5.77
C14 HYO D . -5.82 3.97 -1.19
C16 HYO D . -6.33 3.83 0.25
C18 HYO D . -4.77 6.17 -1.71
C19 HYO D . -7.20 7.23 -2.54
N04 HYO D . -4.92 -0.18 -5.47
O01 HYO D . -5.80 2.75 -3.31
O02 HYO D . -7.74 2.75 -2.02
O03 HYO D . -5.65 4.75 1.13
C1 SIN E . 0.51 -7.55 -2.63
O1 SIN E . 1.75 -7.73 -2.56
O2 SIN E . -0.32 -8.45 -2.81
C2 SIN E . -0.01 -6.13 -2.49
C3 SIN E . 0.79 -5.13 -3.23
C4 SIN E . 0.30 -3.71 -3.05
O3 SIN E . 0.46 -2.92 -3.99
O4 SIN E . -0.25 -3.41 -1.97
V V F . 0.40 -0.89 -3.74
O O G . -1.40 -1.12 -3.19
C FMT H . 11.21 4.21 -7.44
O1 FMT H . 12.25 3.63 -7.64
O2 FMT H . 10.38 4.61 -8.35
C1 EDO I . 21.16 -8.45 11.33
O1 EDO I . 19.82 -8.86 11.40
C2 EDO I . 21.35 -7.12 10.70
O2 EDO I . 21.88 -6.13 11.57
C FMT J . -10.26 -5.85 -22.54
O1 FMT J . -9.60 -4.91 -22.90
O2 FMT J . -11.42 -5.78 -21.98
C FMT K . 0.73 4.70 -21.02
O1 FMT K . 1.74 5.26 -20.66
O2 FMT K . -0.30 5.29 -21.53
C FMT L . 1.77 19.32 3.66
O1 FMT L . 2.96 19.55 3.54
O2 FMT L . 0.96 19.06 2.68
SR SR M . 6.98 -4.70 20.84
SR SR N . -22.23 -4.28 11.56
#